data_2ZDC
#
_entry.id   2ZDC
#
_cell.length_a   53.434
_cell.length_b   53.408
_cell.length_c   53.419
_cell.angle_alpha   108.56
_cell.angle_beta   108.57
_cell.angle_gamma   108.48
#
_symmetry.space_group_name_H-M   'P 1'
#
loop_
_entity.id
_entity.type
_entity.pdbx_description
1 polymer '167aa long hypothetical dUTPase'
2 non-polymer 'SULFATE ION'
3 non-polymer 2-AMINO-2-HYDROXYMETHYL-PROPANE-1,3-DIOL
4 water water
#
_entity_poly.entity_id   1
_entity_poly.type   'polypeptide(L)'
_entity_poly.pdbx_seq_one_letter_code
;GHMKGLTEKLMILSHQSIKNLLGKVILNYSEENVRENGYDLRICGDKYYELVQGAELPEKKATLREIEFKERAILSANHT
YLFESCEEFNMPADLAVLITLKSTLARNGFLAPPTVIDAGYKGKVNVAITAVYNSSLKKGMATHHLIFLKLDKPTERLYN
GKYQGGILI
;
_entity_poly.pdbx_strand_id   A,B,C
#
loop_
_chem_comp.id
_chem_comp.type
_chem_comp.name
_chem_comp.formula
SO4 non-polymer 'SULFATE ION' 'O4 S -2'
TRS non-polymer 2-AMINO-2-HYDROXYMETHYL-PROPANE-1,3-DIOL 'C4 H12 N O3 1'
#
# COMPACT_ATOMS: atom_id res chain seq x y z
N ILE A 12 -4.81 15.79 -5.56
CA ILE A 12 -5.42 14.67 -6.33
C ILE A 12 -6.46 15.18 -7.32
N LEU A 13 -6.43 14.66 -8.53
CA LEU A 13 -7.37 15.06 -9.57
C LEU A 13 -8.75 14.41 -9.41
N SER A 14 -9.79 15.20 -9.62
CA SER A 14 -11.16 14.73 -9.52
C SER A 14 -11.61 14.08 -10.83
N HIS A 15 -12.78 13.48 -10.81
CA HIS A 15 -13.34 12.80 -12.00
C HIS A 15 -13.21 13.67 -13.26
N GLN A 16 -13.61 14.93 -13.15
CA GLN A 16 -13.56 15.88 -14.25
C GLN A 16 -12.17 16.01 -14.86
N SER A 17 -11.18 16.27 -14.01
CA SER A 17 -9.80 16.45 -14.47
C SER A 17 -9.22 15.22 -15.14
N ILE A 18 -9.61 14.04 -14.66
CA ILE A 18 -9.12 12.78 -15.21
C ILE A 18 -9.71 12.51 -16.57
N LYS A 19 -10.96 12.92 -16.76
CA LYS A 19 -11.66 12.72 -18.03
C LYS A 19 -10.88 13.38 -19.17
N ASN A 20 -10.36 14.57 -18.93
CA ASN A 20 -9.60 15.29 -19.96
C ASN A 20 -8.23 14.64 -20.20
N LEU A 21 -7.92 13.61 -19.43
CA LEU A 21 -6.66 12.90 -19.57
C LEU A 21 -6.77 11.76 -20.58
N LEU A 22 -8.00 11.30 -20.82
CA LEU A 22 -8.25 10.19 -21.72
C LEU A 22 -7.82 10.51 -23.16
N GLY A 23 -7.11 9.58 -23.79
CA GLY A 23 -6.67 9.78 -25.15
C GLY A 23 -5.38 10.56 -25.24
N LYS A 24 -4.97 11.15 -24.12
CA LYS A 24 -3.74 11.91 -24.06
C LYS A 24 -2.75 11.28 -23.08
N VAL A 25 -3.10 11.28 -21.79
CA VAL A 25 -2.25 10.72 -20.74
C VAL A 25 -2.59 9.25 -20.48
N ILE A 26 -3.86 8.91 -20.65
CA ILE A 26 -4.33 7.54 -20.44
C ILE A 26 -4.86 7.00 -21.77
N LEU A 27 -4.09 6.13 -22.40
CA LEU A 27 -4.50 5.55 -23.68
C LEU A 27 -5.08 4.15 -23.45
N ASN A 28 -5.83 3.65 -24.43
CA ASN A 28 -6.47 2.33 -24.35
C ASN A 28 -7.32 2.30 -23.09
N TYR A 29 -8.15 3.33 -22.93
CA TYR A 29 -8.98 3.49 -21.76
C TYR A 29 -10.43 3.06 -21.90
N SER A 30 -11.17 3.20 -20.80
CA SER A 30 -12.58 2.90 -20.73
C SER A 30 -13.17 4.10 -19.99
N GLU A 31 -14.06 4.83 -20.64
CA GLU A 31 -14.65 6.02 -20.04
C GLU A 31 -15.37 5.70 -18.74
N GLU A 32 -15.87 4.48 -18.66
CA GLU A 32 -16.58 3.99 -17.49
C GLU A 32 -15.65 3.92 -16.27
N ASN A 33 -14.38 3.62 -16.51
CA ASN A 33 -13.40 3.48 -15.45
C ASN A 33 -12.89 4.77 -14.79
N VAL A 34 -13.40 5.92 -15.22
CA VAL A 34 -13.01 7.19 -14.62
C VAL A 34 -13.93 7.34 -13.41
N ARG A 35 -13.35 7.29 -12.21
CA ARG A 35 -14.12 7.36 -10.97
C ARG A 35 -14.21 8.76 -10.39
N GLU A 36 -14.81 8.85 -9.20
CA GLU A 36 -15.00 10.12 -8.51
C GLU A 36 -13.68 10.88 -8.33
N ASN A 37 -12.61 10.14 -8.06
CA ASN A 37 -11.30 10.76 -7.87
C ASN A 37 -10.16 9.82 -8.24
N GLY A 38 -10.33 9.08 -9.32
CA GLY A 38 -9.29 8.17 -9.77
C GLY A 38 -9.72 7.39 -11.00
N TYR A 39 -8.78 6.68 -11.61
CA TYR A 39 -9.08 5.87 -12.79
C TYR A 39 -8.81 4.42 -12.41
N ASP A 40 -9.72 3.53 -12.79
CA ASP A 40 -9.55 2.13 -12.46
C ASP A 40 -8.82 1.37 -13.58
N LEU A 41 -7.56 1.04 -13.31
CA LEU A 41 -6.73 0.32 -14.27
C LEU A 41 -7.25 -1.11 -14.45
N ARG A 42 -7.11 -1.63 -15.67
CA ARG A 42 -7.57 -2.97 -16.00
C ARG A 42 -6.43 -3.91 -16.39
N ILE A 43 -6.65 -5.21 -16.29
CA ILE A 43 -5.63 -6.17 -16.67
C ILE A 43 -6.00 -6.76 -18.03
N CYS A 44 -5.02 -6.79 -18.94
CA CYS A 44 -5.20 -7.31 -20.30
C CYS A 44 -4.01 -8.16 -20.73
N GLY A 45 -3.86 -8.31 -22.05
CA GLY A 45 -2.73 -9.04 -22.59
C GLY A 45 -3.03 -10.47 -23.04
N ASP A 46 -2.21 -10.95 -23.97
CA ASP A 46 -2.38 -12.31 -24.47
C ASP A 46 -1.82 -13.26 -23.43
N LYS A 47 -1.08 -12.72 -22.47
CA LYS A 47 -0.47 -13.53 -21.42
C LYS A 47 -0.25 -12.80 -20.10
N TYR A 48 -0.07 -13.59 -19.05
CA TYR A 48 0.22 -13.08 -17.72
C TYR A 48 1.33 -13.98 -17.17
N TYR A 49 2.01 -13.54 -16.13
CA TYR A 49 3.12 -14.31 -15.61
C TYR A 49 3.01 -14.71 -14.15
N GLU A 50 3.52 -15.90 -13.85
CA GLU A 50 3.52 -16.42 -12.48
C GLU A 50 4.95 -16.52 -11.98
N LEU A 51 5.24 -15.93 -10.82
CA LEU A 51 6.58 -16.04 -10.28
C LEU A 51 6.67 -17.46 -9.71
N VAL A 52 7.72 -18.20 -10.11
CA VAL A 52 7.87 -19.56 -9.63
C VAL A 52 9.12 -19.76 -8.78
N GLN A 53 10.10 -18.88 -8.94
CA GLN A 53 11.32 -18.93 -8.15
C GLN A 53 11.65 -17.52 -7.70
N GLY A 54 12.06 -17.39 -6.44
CA GLY A 54 12.39 -16.09 -5.87
C GLY A 54 13.55 -15.32 -6.47
N ALA A 55 13.55 -14.02 -6.23
CA ALA A 55 14.59 -13.16 -6.77
C ALA A 55 15.75 -12.99 -5.78
N GLU A 56 16.91 -12.62 -6.30
CA GLU A 56 18.09 -12.36 -5.47
C GLU A 56 18.52 -10.96 -5.93
N LEU A 57 17.73 -9.97 -5.53
CA LEU A 57 17.93 -8.58 -5.93
C LEU A 57 19.20 -7.88 -5.43
N PRO A 58 19.73 -6.96 -6.24
CA PRO A 58 19.18 -6.56 -7.54
C PRO A 58 19.66 -7.39 -8.74
N GLU A 59 20.72 -8.15 -8.55
CA GLU A 59 21.32 -8.95 -9.63
C GLU A 59 20.45 -9.97 -10.35
N LYS A 60 19.65 -10.71 -9.60
CA LYS A 60 18.81 -11.75 -10.19
C LYS A 60 17.32 -11.53 -9.99
N LYS A 61 16.58 -11.34 -11.09
CA LYS A 61 15.14 -11.14 -11.02
C LYS A 61 14.45 -12.47 -10.72
N ALA A 62 13.17 -12.42 -10.36
CA ALA A 62 12.43 -13.63 -10.05
C ALA A 62 12.19 -14.45 -11.33
N THR A 63 12.07 -15.76 -11.20
CA THR A 63 11.82 -16.62 -12.36
C THR A 63 10.33 -16.67 -12.64
N LEU A 64 9.95 -16.30 -13.88
CA LEU A 64 8.57 -16.29 -14.29
C LEU A 64 8.15 -17.44 -15.18
N ARG A 65 6.88 -17.82 -15.07
CA ARG A 65 6.31 -18.86 -15.90
C ARG A 65 5.26 -18.09 -16.70
N GLU A 66 5.37 -18.16 -18.01
CA GLU A 66 4.44 -17.46 -18.89
C GLU A 66 3.18 -18.29 -19.07
N ILE A 67 2.02 -17.65 -18.93
CA ILE A 67 0.74 -18.33 -19.06
C ILE A 67 -0.23 -17.61 -19.98
N GLU A 68 -0.87 -18.38 -20.86
CA GLU A 68 -1.85 -17.82 -21.80
C GLU A 68 -3.00 -17.18 -21.01
N PHE A 69 -3.26 -15.91 -21.29
CA PHE A 69 -4.34 -15.20 -20.62
C PHE A 69 -5.60 -15.35 -21.48
N LYS A 70 -6.35 -16.43 -21.25
CA LYS A 70 -7.56 -16.69 -22.01
C LYS A 70 -8.67 -15.72 -21.67
N GLU A 71 -9.59 -16.15 -20.80
CA GLU A 71 -10.69 -15.29 -20.40
C GLU A 71 -10.65 -15.04 -18.89
N ARG A 72 -10.02 -15.95 -18.16
CA ARG A 72 -9.89 -15.83 -16.72
C ARG A 72 -8.52 -16.31 -16.30
N ALA A 73 -7.83 -15.53 -15.47
CA ALA A 73 -6.51 -15.93 -15.02
C ALA A 73 -6.64 -16.69 -13.70
N ILE A 74 -6.12 -17.91 -13.68
CA ILE A 74 -6.19 -18.74 -12.47
C ILE A 74 -4.95 -18.54 -11.62
N LEU A 75 -5.16 -18.20 -10.34
CA LEU A 75 -4.05 -17.96 -9.43
C LEU A 75 -3.99 -18.98 -8.30
N SER A 76 -2.77 -19.38 -7.94
CA SER A 76 -2.57 -20.31 -6.84
C SER A 76 -2.27 -19.51 -5.59
N ALA A 77 -2.66 -20.05 -4.45
CA ALA A 77 -2.40 -19.38 -3.19
C ALA A 77 -0.89 -19.23 -3.02
N ASN A 78 -0.49 -18.15 -2.36
CA ASN A 78 0.90 -17.85 -2.06
C ASN A 78 1.85 -17.66 -3.23
N HIS A 79 1.32 -17.16 -4.34
CA HIS A 79 2.12 -16.86 -5.52
C HIS A 79 1.80 -15.44 -6.00
N THR A 80 2.80 -14.78 -6.57
CA THR A 80 2.62 -13.43 -7.11
C THR A 80 2.50 -13.52 -8.63
N TYR A 81 1.60 -12.74 -9.20
CA TYR A 81 1.37 -12.74 -10.64
C TYR A 81 1.52 -11.36 -11.27
N LEU A 82 2.11 -11.30 -12.45
CA LEU A 82 2.30 -10.04 -13.16
C LEU A 82 1.33 -9.95 -14.32
N PHE A 83 0.60 -8.85 -14.36
CA PHE A 83 -0.36 -8.59 -15.42
C PHE A 83 -0.01 -7.29 -16.13
N GLU A 84 -0.18 -7.25 -17.44
CA GLU A 84 0.09 -6.03 -18.17
C GLU A 84 -1.24 -5.28 -18.22
N SER A 85 -1.20 -3.98 -17.97
CA SER A 85 -2.41 -3.16 -17.97
C SER A 85 -2.96 -3.01 -19.37
N CYS A 86 -4.26 -2.79 -19.50
CA CYS A 86 -4.85 -2.57 -20.82
C CYS A 86 -4.37 -1.16 -21.20
N GLU A 87 -4.43 -0.26 -20.22
CA GLU A 87 -4.05 1.14 -20.41
C GLU A 87 -2.56 1.41 -20.61
N GLU A 88 -2.28 2.34 -21.51
CA GLU A 88 -0.90 2.75 -21.77
C GLU A 88 -0.84 4.18 -21.25
N PHE A 89 0.26 4.51 -20.58
CA PHE A 89 0.38 5.84 -20.00
C PHE A 89 1.40 6.71 -20.69
N ASN A 90 1.18 8.02 -20.61
CA ASN A 90 2.09 9.00 -21.19
C ASN A 90 2.05 10.13 -20.18
N MET A 91 2.81 9.95 -19.11
CA MET A 91 2.88 10.91 -18.03
C MET A 91 3.68 12.16 -18.31
N PRO A 92 3.09 13.33 -17.97
CA PRO A 92 3.76 14.62 -18.18
C PRO A 92 4.80 14.76 -17.05
N ALA A 93 5.72 15.70 -17.18
CA ALA A 93 6.73 15.90 -16.14
C ALA A 93 6.07 16.63 -14.99
N ASP A 94 4.76 16.83 -15.13
CA ASP A 94 3.97 17.55 -14.15
C ASP A 94 3.07 16.66 -13.30
N LEU A 95 2.96 15.38 -13.65
CA LEU A 95 2.07 14.49 -12.90
C LEU A 95 2.67 13.14 -12.52
N ALA A 96 2.14 12.54 -11.46
CA ALA A 96 2.57 11.23 -10.97
C ALA A 96 1.32 10.46 -10.57
N VAL A 97 1.42 9.13 -10.48
CA VAL A 97 0.25 8.34 -10.09
C VAL A 97 0.52 7.34 -8.97
N LEU A 98 -0.32 7.33 -7.94
CA LEU A 98 -0.19 6.36 -6.85
C LEU A 98 -1.10 5.20 -7.19
N ILE A 99 -0.54 4.00 -7.28
CA ILE A 99 -1.36 2.83 -7.60
C ILE A 99 -1.85 2.19 -6.32
N THR A 100 -3.15 2.16 -6.11
CA THR A 100 -3.71 1.54 -4.92
C THR A 100 -4.51 0.37 -5.46
N LEU A 101 -5.01 -0.48 -4.58
CA LEU A 101 -5.76 -1.65 -5.02
C LEU A 101 -7.26 -1.37 -4.97
N LYS A 102 -8.02 -1.89 -5.93
CA LYS A 102 -9.47 -1.69 -5.86
C LYS A 102 -9.94 -2.40 -4.59
N SER A 103 -10.82 -1.76 -3.84
CA SER A 103 -11.34 -2.33 -2.59
C SER A 103 -11.89 -3.74 -2.76
N THR A 104 -12.63 -3.96 -3.83
CA THR A 104 -13.22 -5.28 -4.06
C THR A 104 -12.13 -6.36 -4.06
N LEU A 105 -10.97 -6.07 -4.64
CA LEU A 105 -9.88 -7.05 -4.66
C LEU A 105 -9.32 -7.24 -3.25
N ALA A 106 -9.14 -6.14 -2.52
CA ALA A 106 -8.62 -6.19 -1.17
C ALA A 106 -9.50 -7.03 -0.28
N ARG A 107 -10.80 -6.77 -0.33
CA ARG A 107 -11.75 -7.49 0.50
C ARG A 107 -11.97 -8.93 0.07
N ASN A 108 -11.51 -9.28 -1.11
CA ASN A 108 -11.68 -10.65 -1.60
C ASN A 108 -10.40 -11.48 -1.64
N GLY A 109 -9.43 -11.12 -0.81
CA GLY A 109 -8.20 -11.88 -0.70
C GLY A 109 -7.03 -11.71 -1.65
N PHE A 110 -6.87 -10.52 -2.21
CA PHE A 110 -5.75 -10.27 -3.12
C PHE A 110 -4.86 -9.23 -2.48
N LEU A 111 -3.55 -9.39 -2.61
CA LEU A 111 -2.63 -8.43 -2.03
C LEU A 111 -1.85 -7.72 -3.13
N ALA A 112 -1.41 -6.51 -2.81
CA ALA A 112 -0.63 -5.72 -3.74
C ALA A 112 -0.02 -4.57 -2.92
N PRO A 113 1.26 -4.28 -3.15
CA PRO A 113 1.89 -3.20 -2.41
C PRO A 113 1.65 -1.89 -3.13
N PRO A 114 1.84 -0.76 -2.44
CA PRO A 114 1.61 0.51 -3.13
C PRO A 114 2.82 0.82 -4.02
N THR A 115 2.57 1.31 -5.23
CA THR A 115 3.65 1.69 -6.13
C THR A 115 3.25 2.96 -6.87
N VAL A 116 4.21 3.56 -7.57
CA VAL A 116 3.96 4.80 -8.26
C VAL A 116 4.40 4.81 -9.71
N ILE A 117 3.60 5.48 -10.54
CA ILE A 117 3.94 5.66 -11.94
C ILE A 117 4.46 7.09 -11.86
N ASP A 118 5.75 7.26 -12.10
CA ASP A 118 6.37 8.57 -12.00
C ASP A 118 6.23 9.46 -13.23
N ALA A 119 6.39 10.76 -13.01
CA ALA A 119 6.30 11.73 -14.08
C ALA A 119 7.30 11.39 -15.17
N GLY A 120 6.87 11.47 -16.42
CA GLY A 120 7.75 11.16 -17.54
C GLY A 120 7.60 9.73 -18.04
N TYR A 121 7.01 8.85 -17.23
CA TYR A 121 6.83 7.45 -17.63
C TYR A 121 5.97 7.23 -18.87
N LYS A 122 6.45 6.36 -19.76
CA LYS A 122 5.73 6.04 -20.98
C LYS A 122 5.55 4.55 -21.17
N GLY A 123 4.32 4.14 -21.46
CA GLY A 123 4.05 2.74 -21.69
C GLY A 123 3.02 2.11 -20.77
N LYS A 124 2.79 0.81 -20.97
CA LYS A 124 1.85 0.08 -20.14
C LYS A 124 2.55 -0.22 -18.83
N VAL A 125 1.79 -0.66 -17.85
CA VAL A 125 2.34 -1.00 -16.54
C VAL A 125 2.10 -2.45 -16.23
N ASN A 126 3.11 -3.09 -15.64
CA ASN A 126 3.01 -4.48 -15.24
C ASN A 126 2.77 -4.44 -13.74
N VAL A 127 1.55 -4.80 -13.31
CA VAL A 127 1.23 -4.81 -11.89
C VAL A 127 1.39 -6.20 -11.28
N ALA A 128 1.76 -6.22 -10.00
CA ALA A 128 1.95 -7.48 -9.29
C ALA A 128 0.85 -7.73 -8.27
N ILE A 129 0.07 -8.79 -8.50
CA ILE A 129 -0.99 -9.15 -7.59
C ILE A 129 -0.63 -10.48 -6.93
N THR A 130 -0.68 -10.52 -5.61
CA THR A 130 -0.37 -11.77 -4.92
C THR A 130 -1.68 -12.36 -4.43
N ALA A 131 -1.89 -13.64 -4.70
CA ALA A 131 -3.11 -14.32 -4.30
C ALA A 131 -2.92 -14.99 -2.95
N VAL A 132 -3.86 -14.73 -2.03
CA VAL A 132 -3.82 -15.32 -0.70
C VAL A 132 -4.50 -16.69 -0.76
N TYR A 133 -5.39 -16.86 -1.74
CA TYR A 133 -6.14 -18.10 -1.93
C TYR A 133 -6.10 -18.52 -3.38
N ASN A 134 -6.44 -19.79 -3.63
CA ASN A 134 -6.52 -20.25 -5.00
C ASN A 134 -7.73 -19.45 -5.45
N SER A 135 -7.58 -18.71 -6.55
CA SER A 135 -8.67 -17.85 -7.00
C SER A 135 -8.48 -17.51 -8.47
N SER A 136 -9.28 -16.57 -8.98
CA SER A 136 -9.15 -16.16 -10.37
C SER A 136 -9.63 -14.72 -10.61
N LEU A 137 -9.10 -14.11 -11.67
CA LEU A 137 -9.47 -12.74 -12.04
C LEU A 137 -9.82 -12.74 -13.52
N LYS A 138 -10.92 -12.07 -13.86
CA LYS A 138 -11.40 -11.98 -15.23
C LYS A 138 -10.54 -11.06 -16.10
N LYS A 139 -10.25 -11.50 -17.31
CA LYS A 139 -9.45 -10.69 -18.22
C LYS A 139 -10.20 -9.42 -18.57
N GLY A 140 -9.53 -8.29 -18.44
CA GLY A 140 -10.18 -7.03 -18.76
C GLY A 140 -10.88 -6.37 -17.59
N MET A 141 -10.92 -7.04 -16.43
CA MET A 141 -11.60 -6.46 -15.28
C MET A 141 -10.70 -5.41 -14.61
N ALA A 142 -11.31 -4.49 -13.86
CA ALA A 142 -10.58 -3.45 -13.14
C ALA A 142 -10.02 -4.05 -11.85
N THR A 143 -8.72 -3.81 -11.60
CA THR A 143 -8.07 -4.36 -10.43
C THR A 143 -7.42 -3.31 -9.53
N HIS A 144 -6.99 -2.21 -10.13
CA HIS A 144 -6.33 -1.15 -9.38
C HIS A 144 -7.01 0.21 -9.48
N HIS A 145 -6.88 0.99 -8.41
CA HIS A 145 -7.47 2.33 -8.29
C HIS A 145 -6.36 3.37 -8.34
N LEU A 146 -6.27 4.10 -9.46
CA LEU A 146 -5.21 5.07 -9.63
C LEU A 146 -5.57 6.47 -9.14
N ILE A 147 -4.68 7.03 -8.33
CA ILE A 147 -4.86 8.36 -7.77
C ILE A 147 -3.80 9.23 -8.45
N PHE A 148 -4.23 10.36 -9.00
CA PHE A 148 -3.31 11.25 -9.70
C PHE A 148 -2.75 12.34 -8.80
N LEU A 149 -1.43 12.40 -8.72
CA LEU A 149 -0.74 13.39 -7.89
C LEU A 149 -0.03 14.40 -8.79
N LYS A 150 -0.28 15.69 -8.54
CA LYS A 150 0.37 16.74 -9.31
C LYS A 150 1.61 17.24 -8.60
N LEU A 151 2.73 17.28 -9.32
CA LEU A 151 4.00 17.75 -8.78
C LEU A 151 3.97 19.24 -8.47
N ASP A 152 4.75 19.63 -7.46
CA ASP A 152 4.84 21.03 -7.05
C ASP A 152 5.54 21.82 -8.15
N LYS A 153 6.47 21.15 -8.84
CA LYS A 153 7.22 21.76 -9.93
C LYS A 153 7.48 20.70 -10.99
N PRO A 154 7.25 21.04 -12.28
CA PRO A 154 7.48 20.08 -13.36
C PRO A 154 8.92 19.58 -13.38
N ILE B 12 2.73 16.62 -4.29
CA ILE B 12 3.97 16.01 -3.70
C ILE B 12 5.21 16.77 -4.18
N LEU B 13 6.33 16.59 -3.46
CA LEU B 13 7.58 17.25 -3.82
C LEU B 13 8.26 16.64 -5.04
N SER B 14 8.86 17.51 -5.86
CA SER B 14 9.55 17.09 -7.08
C SER B 14 11.02 16.81 -6.80
N HIS B 15 11.72 16.30 -7.82
CA HIS B 15 13.13 15.97 -7.72
C HIS B 15 13.99 17.06 -7.09
N GLN B 16 13.91 18.27 -7.66
CA GLN B 16 14.70 19.39 -7.15
C GLN B 16 14.36 19.73 -5.71
N SER B 17 13.08 19.63 -5.37
CA SER B 17 12.63 19.93 -4.01
C SER B 17 13.21 18.92 -3.01
N ILE B 18 13.42 17.69 -3.48
CA ILE B 18 13.97 16.62 -2.64
C ILE B 18 15.46 16.81 -2.44
N LYS B 19 16.13 17.39 -3.43
CA LYS B 19 17.57 17.63 -3.33
C LYS B 19 17.87 18.60 -2.20
N ASN B 20 17.01 19.60 -2.04
CA ASN B 20 17.19 20.61 -0.99
C ASN B 20 16.94 20.05 0.41
N LEU B 21 16.42 18.82 0.49
CA LEU B 21 16.17 18.20 1.78
C LEU B 21 17.38 17.39 2.23
N LEU B 22 18.28 17.09 1.30
CA LEU B 22 19.46 16.31 1.64
C LEU B 22 20.35 17.07 2.61
N GLY B 23 20.78 16.40 3.68
CA GLY B 23 21.65 17.05 4.64
C GLY B 23 20.94 17.62 5.84
N LYS B 24 19.63 17.83 5.72
CA LYS B 24 18.86 18.36 6.85
C LYS B 24 17.62 17.51 7.17
N VAL B 25 16.79 17.24 6.18
CA VAL B 25 15.59 16.43 6.41
C VAL B 25 15.92 14.96 6.21
N ILE B 26 16.77 14.69 5.22
CA ILE B 26 17.18 13.33 4.92
C ILE B 26 18.68 13.21 5.14
N LEU B 27 19.07 12.50 6.19
CA LEU B 27 20.49 12.34 6.47
C LEU B 27 20.95 10.96 6.02
N ASN B 28 22.27 10.80 5.89
CA ASN B 28 22.87 9.55 5.43
C ASN B 28 22.22 9.14 4.12
N TYR B 29 22.18 10.11 3.19
CA TYR B 29 21.55 9.93 1.89
C TYR B 29 22.51 9.55 0.78
N SER B 30 21.94 9.37 -0.40
CA SER B 30 22.68 9.07 -1.63
C SER B 30 22.03 9.97 -2.66
N GLU B 31 22.83 10.78 -3.33
CA GLU B 31 22.31 11.72 -4.33
C GLU B 31 21.57 11.04 -5.46
N GLU B 32 22.08 9.92 -5.94
CA GLU B 32 21.44 9.21 -7.03
C GLU B 32 20.05 8.68 -6.66
N ASN B 33 19.80 8.50 -5.36
CA ASN B 33 18.50 8.00 -4.92
C ASN B 33 17.36 9.02 -4.96
N VAL B 34 17.67 10.25 -5.37
CA VAL B 34 16.62 11.27 -5.49
C VAL B 34 16.01 11.01 -6.87
N ARG B 35 14.71 10.70 -6.91
CA ARG B 35 14.04 10.41 -8.17
C ARG B 35 13.21 11.55 -8.73
N GLU B 36 12.50 11.26 -9.82
CA GLU B 36 11.66 12.23 -10.50
C GLU B 36 10.71 12.93 -9.53
N ASN B 37 10.15 12.17 -8.59
CA ASN B 37 9.23 12.72 -7.61
C ASN B 37 9.24 11.97 -6.29
N GLY B 38 10.42 11.54 -5.86
CA GLY B 38 10.54 10.84 -4.60
C GLY B 38 11.98 10.52 -4.26
N TYR B 39 12.19 9.87 -3.11
CA TYR B 39 13.53 9.49 -2.70
C TYR B 39 13.49 7.98 -2.47
N ASP B 40 14.50 7.26 -2.94
CA ASP B 40 14.52 5.81 -2.75
C ASP B 40 15.30 5.41 -1.52
N LEU B 41 14.57 5.00 -0.49
CA LEU B 41 15.15 4.55 0.77
C LEU B 41 15.91 3.24 0.59
N ARG B 42 17.02 3.10 1.31
CA ARG B 42 17.86 1.92 1.23
C ARG B 42 17.87 1.14 2.55
N ILE B 43 18.10 -0.17 2.48
CA ILE B 43 18.17 -0.97 3.69
C ILE B 43 19.63 -1.12 4.07
N CYS B 44 19.93 -0.96 5.36
CA CYS B 44 21.30 -1.05 5.84
C CYS B 44 21.35 -1.57 7.28
N GLY B 45 22.50 -1.42 7.95
CA GLY B 45 22.61 -1.87 9.33
C GLY B 45 23.43 -3.12 9.57
N ASP B 46 23.89 -3.27 10.81
CA ASP B 46 24.70 -4.41 11.21
C ASP B 46 23.88 -5.68 11.13
N LYS B 47 22.58 -5.56 11.40
CA LYS B 47 21.69 -6.71 11.37
C LYS B 47 20.27 -6.40 10.93
N TYR B 48 19.52 -7.46 10.61
CA TYR B 48 18.12 -7.31 10.23
C TYR B 48 17.34 -8.31 11.08
N TYR B 49 16.02 -8.27 11.03
CA TYR B 49 15.24 -9.15 11.87
C TYR B 49 14.16 -9.95 11.17
N GLU B 50 14.04 -11.21 11.56
CA GLU B 50 13.03 -12.10 11.02
C GLU B 50 11.94 -12.31 12.07
N LEU B 51 10.68 -12.11 11.70
CA LEU B 51 9.62 -12.34 12.65
C LEU B 51 9.44 -13.86 12.67
N VAL B 52 9.48 -14.46 13.87
CA VAL B 52 9.33 -15.90 13.97
C VAL B 52 8.05 -16.33 14.68
N GLN B 53 7.51 -15.46 15.52
CA GLN B 53 6.27 -15.76 16.21
C GLN B 53 5.32 -14.56 16.13
N GLY B 54 4.06 -14.84 15.82
CA GLY B 54 3.06 -13.78 15.69
C GLY B 54 2.85 -12.87 16.88
N ALA B 55 2.28 -11.71 16.61
CA ALA B 55 2.03 -10.71 17.62
C ALA B 55 0.59 -10.84 18.16
N GLU B 56 0.39 -10.38 19.38
CA GLU B 56 -0.94 -10.39 19.99
C GLU B 56 -1.14 -8.92 20.38
N LEU B 57 -1.31 -8.09 19.37
CA LEU B 57 -1.47 -6.64 19.53
C LEU B 57 -2.71 -6.19 20.29
N PRO B 58 -2.59 -5.09 21.04
CA PRO B 58 -1.35 -4.31 21.16
C PRO B 58 -0.36 -4.76 22.25
N GLU B 59 -0.84 -5.51 23.22
CA GLU B 59 0.01 -5.93 24.33
C GLU B 59 1.31 -6.67 24.03
N LYS B 60 1.26 -7.64 23.13
CA LYS B 60 2.43 -8.46 22.82
C LYS B 60 2.93 -8.30 21.39
N LYS B 61 4.14 -7.78 21.23
CA LYS B 61 4.71 -7.61 19.89
C LYS B 61 5.15 -8.96 19.35
N ALA B 62 5.47 -9.00 18.06
CA ALA B 62 5.91 -10.24 17.41
C ALA B 62 7.31 -10.61 17.88
N THR B 63 7.61 -11.91 17.89
CA THR B 63 8.92 -12.38 18.33
C THR B 63 9.92 -12.31 17.18
N LEU B 64 11.00 -11.57 17.39
CA LEU B 64 12.03 -11.38 16.37
C LEU B 64 13.27 -12.22 16.55
N ARG B 65 13.85 -12.63 15.43
CA ARG B 65 15.08 -13.39 15.43
C ARG B 65 16.09 -12.41 14.83
N GLU B 66 17.19 -12.16 15.54
CA GLU B 66 18.20 -11.23 15.07
C GLU B 66 19.19 -11.92 14.14
N ILE B 67 19.44 -11.33 12.98
CA ILE B 67 20.34 -11.91 12.00
C ILE B 67 21.39 -10.92 11.51
N GLU B 68 22.64 -11.37 11.49
CA GLU B 68 23.74 -10.54 11.03
C GLU B 68 23.50 -10.15 9.57
N PHE B 69 23.56 -8.85 9.28
CA PHE B 69 23.34 -8.37 7.93
C PHE B 69 24.69 -8.07 7.28
N LYS B 70 25.25 -9.07 6.59
CA LYS B 70 26.54 -8.89 5.94
C LYS B 70 26.43 -8.20 4.58
N GLU B 71 26.41 -8.98 3.50
CA GLU B 71 26.30 -8.40 2.17
C GLU B 71 24.93 -8.67 1.56
N ARG B 72 24.26 -9.68 2.09
CA ARG B 72 22.94 -10.06 1.60
C ARG B 72 22.02 -10.53 2.70
N ALA B 73 20.72 -10.25 2.54
CA ALA B 73 19.74 -10.68 3.50
C ALA B 73 18.94 -11.79 2.86
N ILE B 74 19.06 -13.00 3.41
CA ILE B 74 18.34 -14.15 2.89
C ILE B 74 16.97 -14.25 3.56
N LEU B 75 15.91 -14.28 2.75
CA LEU B 75 14.57 -14.35 3.28
C LEU B 75 13.86 -15.66 2.93
N SER B 76 13.06 -16.15 3.87
CA SER B 76 12.30 -17.38 3.66
C SER B 76 10.88 -17.00 3.25
N ALA B 77 10.27 -17.82 2.40
CA ALA B 77 8.93 -17.54 1.96
C ALA B 77 7.99 -17.45 3.16
N ASN B 78 6.94 -16.65 3.02
CA ASN B 78 5.93 -16.47 4.06
C ASN B 78 6.43 -15.94 5.40
N HIS B 79 7.50 -15.15 5.36
CA HIS B 79 8.05 -14.54 6.56
C HIS B 79 8.21 -13.03 6.38
N THR B 80 8.03 -12.28 7.46
CA THR B 80 8.18 -10.82 7.41
C THR B 80 9.52 -10.47 8.05
N TYR B 81 10.23 -9.53 7.44
CA TYR B 81 11.53 -9.09 7.92
C TYR B 81 11.58 -7.59 8.17
N LEU B 82 12.31 -7.19 9.21
CA LEU B 82 12.45 -5.77 9.54
C LEU B 82 13.86 -5.34 9.21
N PHE B 83 13.95 -4.27 8.41
CA PHE B 83 15.22 -3.70 8.00
C PHE B 83 15.30 -2.25 8.49
N GLU B 84 16.50 -1.88 8.92
CA GLU B 84 16.77 -0.54 9.39
C GLU B 84 17.19 0.26 8.16
N SER B 85 16.61 1.44 7.98
CA SER B 85 16.96 2.25 6.82
C SER B 85 18.34 2.88 7.00
N CYS B 86 19.02 3.11 5.89
CA CYS B 86 20.30 3.78 5.92
C CYS B 86 20.01 5.21 6.35
N GLU B 87 19.02 5.79 5.68
CA GLU B 87 18.61 7.16 5.90
C GLU B 87 18.00 7.45 7.26
N GLU B 88 18.40 8.59 7.82
CA GLU B 88 17.84 9.03 9.09
C GLU B 88 16.98 10.23 8.71
N PHE B 89 15.80 10.32 9.31
CA PHE B 89 14.91 11.40 8.98
C PHE B 89 14.75 12.41 10.11
N ASN B 90 14.46 13.64 9.72
CA ASN B 90 14.24 14.74 10.64
C ASN B 90 13.14 15.53 9.96
N MET B 91 11.92 15.05 10.10
CA MET B 91 10.75 15.65 9.48
C MET B 91 10.31 16.97 10.08
N PRO B 92 10.02 17.96 9.22
CA PRO B 92 9.58 19.28 9.66
C PRO B 92 8.13 19.14 10.15
N ALA B 93 7.55 20.23 10.64
CA ALA B 93 6.18 20.21 11.14
C ALA B 93 5.15 20.29 10.02
N ASP B 94 5.60 20.54 8.80
CA ASP B 94 4.67 20.65 7.68
C ASP B 94 5.01 19.69 6.54
N LEU B 95 5.60 18.55 6.88
CA LEU B 95 5.96 17.59 5.84
C LEU B 95 5.81 16.16 6.34
N ALA B 96 5.19 15.32 5.52
CA ALA B 96 4.97 13.91 5.84
C ALA B 96 5.40 13.06 4.65
N VAL B 97 5.69 11.78 4.88
CA VAL B 97 6.12 10.91 3.79
C VAL B 97 5.29 9.66 3.65
N LEU B 98 4.84 9.37 2.43
CA LEU B 98 4.10 8.15 2.19
C LEU B 98 5.14 7.14 1.72
N ILE B 99 5.24 6.02 2.42
CA ILE B 99 6.21 5.00 2.03
C ILE B 99 5.56 4.01 1.08
N THR B 100 6.09 3.91 -0.14
CA THR B 100 5.54 2.96 -1.10
C THR B 100 6.70 2.05 -1.45
N LEU B 101 6.42 0.94 -2.10
CA LEU B 101 7.46 -0.03 -2.46
C LEU B 101 8.04 0.26 -3.83
N LYS B 102 9.34 0.03 -4.00
CA LYS B 102 9.95 0.23 -5.32
C LYS B 102 9.31 -0.83 -6.22
N SER B 103 8.97 -0.44 -7.45
CA SER B 103 8.34 -1.34 -8.41
C SER B 103 9.13 -2.61 -8.66
N THR B 104 10.45 -2.51 -8.66
CA THR B 104 11.28 -3.68 -8.90
C THR B 104 11.05 -4.74 -7.82
N LEU B 105 10.84 -4.31 -6.57
CA LEU B 105 10.59 -5.26 -5.50
C LEU B 105 9.18 -5.86 -5.61
N ALA B 106 8.22 -5.04 -6.00
CA ALA B 106 6.84 -5.50 -6.14
C ALA B 106 6.71 -6.52 -7.24
N ARG B 107 7.29 -6.24 -8.39
CA ARG B 107 7.23 -7.13 -9.53
C ARG B 107 8.05 -8.40 -9.32
N ASN B 108 8.96 -8.36 -8.36
CA ASN B 108 9.80 -9.51 -8.09
C ASN B 108 9.40 -10.31 -6.84
N GLY B 109 8.12 -10.23 -6.47
CA GLY B 109 7.62 -10.99 -5.35
C GLY B 109 7.85 -10.59 -3.90
N PHE B 110 7.92 -9.29 -3.62
CA PHE B 110 8.09 -8.83 -2.25
C PHE B 110 6.86 -8.01 -1.89
N LEU B 111 6.38 -8.17 -0.67
CA LEU B 111 5.20 -7.44 -0.23
C LEU B 111 5.54 -6.43 0.87
N ALA B 112 4.77 -5.36 0.91
CA ALA B 112 4.97 -4.33 1.92
C ALA B 112 3.68 -3.50 1.95
N PRO B 113 3.19 -3.20 3.14
CA PRO B 113 1.97 -2.41 3.21
C PRO B 113 2.33 -0.93 3.22
N PRO B 114 1.39 -0.06 2.84
CA PRO B 114 1.72 1.37 2.85
C PRO B 114 1.77 1.86 4.29
N THR B 115 2.78 2.67 4.61
CA THR B 115 2.91 3.26 5.94
C THR B 115 3.34 4.71 5.74
N VAL B 116 3.28 5.50 6.79
CA VAL B 116 3.64 6.91 6.71
C VAL B 116 4.64 7.37 7.75
N ILE B 117 5.57 8.23 7.34
CA ILE B 117 6.51 8.82 8.27
C ILE B 117 5.84 10.17 8.52
N ASP B 118 5.43 10.40 9.76
CA ASP B 118 4.71 11.62 10.10
C ASP B 118 5.55 12.85 10.41
N ALA B 119 4.90 14.01 10.32
CA ALA B 119 5.54 15.28 10.58
C ALA B 119 6.12 15.27 11.98
N GLY B 120 7.36 15.73 12.09
CA GLY B 120 7.99 15.77 13.39
C GLY B 120 8.79 14.53 13.72
N TYR B 121 8.58 13.45 12.96
CA TYR B 121 9.32 12.21 13.21
C TYR B 121 10.81 12.42 13.12
N LYS B 122 11.56 11.83 14.05
CA LYS B 122 13.00 11.97 14.04
C LYS B 122 13.70 10.61 14.18
N GLY B 123 14.58 10.31 13.22
CA GLY B 123 15.32 9.06 13.28
C GLY B 123 15.24 8.20 12.03
N LYS B 124 15.82 7.01 12.11
CA LYS B 124 15.79 6.07 10.99
C LYS B 124 14.47 5.32 11.10
N VAL B 125 14.07 4.66 10.02
CA VAL B 125 12.83 3.90 10.06
C VAL B 125 13.09 2.43 9.81
N ASN B 126 12.30 1.59 10.46
CA ASN B 126 12.44 0.15 10.27
C ASN B 126 11.26 -0.26 9.40
N VAL B 127 11.58 -0.72 8.19
CA VAL B 127 10.57 -1.14 7.24
C VAL B 127 10.38 -2.65 7.26
N ALA B 128 9.13 -3.07 7.04
CA ALA B 128 8.81 -4.48 7.04
C ALA B 128 8.54 -4.98 5.63
N ILE B 129 9.36 -5.92 5.18
CA ILE B 129 9.22 -6.52 3.87
C ILE B 129 8.84 -8.00 4.06
N THR B 130 7.79 -8.44 3.39
CA THR B 130 7.37 -9.82 3.52
C THR B 130 7.76 -10.53 2.23
N ALA B 131 8.43 -11.66 2.37
CA ALA B 131 8.87 -12.42 1.21
C ALA B 131 7.85 -13.47 0.83
N VAL B 132 7.44 -13.45 -0.44
CA VAL B 132 6.49 -14.42 -0.97
C VAL B 132 7.24 -15.69 -1.37
N TYR B 133 8.53 -15.54 -1.63
CA TYR B 133 9.40 -16.65 -2.05
C TYR B 133 10.70 -16.65 -1.25
N ASN B 134 11.42 -17.76 -1.30
CA ASN B 134 12.70 -17.81 -0.63
C ASN B 134 13.48 -16.88 -1.56
N SER B 135 14.11 -15.86 -0.99
CA SER B 135 14.79 -14.90 -1.84
C SER B 135 15.81 -14.10 -1.05
N SER B 136 16.43 -13.13 -1.69
CA SER B 136 17.42 -12.31 -0.99
C SER B 136 17.41 -10.87 -1.48
N LEU B 137 17.89 -9.97 -0.62
CA LEU B 137 17.98 -8.55 -0.92
C LEU B 137 19.38 -8.10 -0.54
N LYS B 138 20.03 -7.34 -1.43
CA LYS B 138 21.39 -6.86 -1.19
C LYS B 138 21.47 -5.72 -0.19
N LYS B 139 22.42 -5.78 0.72
CA LYS B 139 22.58 -4.73 1.72
C LYS B 139 22.92 -3.41 1.02
N GLY B 140 22.21 -2.35 1.39
CA GLY B 140 22.48 -1.06 0.79
C GLY B 140 21.66 -0.76 -0.45
N MET B 141 20.89 -1.73 -0.92
CA MET B 141 20.08 -1.52 -2.12
C MET B 141 18.81 -0.73 -1.78
N ALA B 142 18.25 -0.07 -2.80
CA ALA B 142 17.03 0.72 -2.63
C ALA B 142 15.83 -0.24 -2.63
N THR B 143 14.93 -0.07 -1.66
CA THR B 143 13.78 -0.94 -1.53
C THR B 143 12.44 -0.25 -1.56
N HIS B 144 12.40 0.99 -1.06
CA HIS B 144 11.16 1.76 -1.00
C HIS B 144 11.25 3.13 -1.69
N HIS B 145 10.11 3.55 -2.25
CA HIS B 145 9.97 4.81 -2.99
C HIS B 145 9.20 5.80 -2.12
N LEU B 146 9.91 6.79 -1.58
CA LEU B 146 9.29 7.77 -0.70
C LEU B 146 8.67 8.95 -1.41
N ILE B 147 7.42 9.23 -1.09
CA ILE B 147 6.68 10.35 -1.68
C ILE B 147 6.45 11.36 -0.55
N PHE B 148 6.87 12.61 -0.79
CA PHE B 148 6.71 13.65 0.23
C PHE B 148 5.40 14.40 0.08
N LEU B 149 4.68 14.52 1.19
CA LEU B 149 3.39 15.21 1.22
C LEU B 149 3.47 16.44 2.12
N LYS B 150 2.97 17.57 1.63
CA LYS B 150 2.99 18.80 2.41
C LYS B 150 1.66 18.98 3.16
N LEU B 151 1.75 19.28 4.45
CA LEU B 151 0.56 19.49 5.27
C LEU B 151 -0.06 20.85 4.97
N ASP B 152 -1.38 20.93 5.01
CA ASP B 152 -2.10 22.17 4.74
C ASP B 152 -1.73 23.22 5.79
N LYS B 153 -1.34 22.75 6.97
CA LYS B 153 -0.94 23.62 8.06
C LYS B 153 0.14 22.91 8.88
N PRO B 154 1.20 23.63 9.29
CA PRO B 154 2.24 22.98 10.08
C PRO B 154 1.73 22.59 11.46
N ILE C 12 -2.85 17.23 1.88
CA ILE C 12 -3.14 16.37 3.06
C ILE C 12 -3.51 17.22 4.28
N LEU C 13 -4.58 16.83 4.97
CA LEU C 13 -5.04 17.57 6.14
C LEU C 13 -4.18 17.33 7.38
N SER C 14 -3.97 18.39 8.15
CA SER C 14 -3.17 18.36 9.36
C SER C 14 -4.03 17.95 10.56
N HIS C 15 -3.38 17.77 11.71
CA HIS C 15 -4.05 17.37 12.93
C HIS C 15 -5.29 18.22 13.25
N GLN C 16 -5.13 19.54 13.16
CA GLN C 16 -6.21 20.46 13.47
C GLN C 16 -7.37 20.39 12.48
N SER C 17 -7.06 20.33 11.19
CA SER C 17 -8.10 20.27 10.17
C SER C 17 -8.93 18.99 10.32
N ILE C 18 -8.29 17.92 10.73
CA ILE C 18 -8.94 16.64 10.93
C ILE C 18 -9.87 16.70 12.14
N LYS C 19 -9.47 17.51 13.12
CA LYS C 19 -10.25 17.68 14.34
C LYS C 19 -11.63 18.27 14.04
N ASN C 20 -11.70 19.17 13.07
CA ASN C 20 -12.97 19.79 12.69
C ASN C 20 -13.90 18.80 11.99
N LEU C 21 -13.35 17.69 11.51
CA LEU C 21 -14.16 16.70 10.83
C LEU C 21 -14.91 15.80 11.82
N LEU C 22 -14.44 15.74 13.06
CA LEU C 22 -15.07 14.88 14.05
C LEU C 22 -16.53 15.27 14.28
N GLY C 23 -17.41 14.27 14.18
CA GLY C 23 -18.83 14.52 14.39
C GLY C 23 -19.55 14.88 13.10
N LYS C 24 -18.79 15.24 12.07
CA LYS C 24 -19.37 15.59 10.78
C LYS C 24 -18.95 14.57 9.72
N VAL C 25 -17.66 14.58 9.38
CA VAL C 25 -17.12 13.68 8.38
C VAL C 25 -16.74 12.33 8.99
N ILE C 26 -16.26 12.38 10.23
CA ILE C 26 -15.87 11.17 10.94
C ILE C 26 -16.76 10.99 12.14
N LEU C 27 -17.66 10.01 12.09
CA LEU C 27 -18.55 9.74 13.20
C LEU C 27 -18.05 8.53 13.98
N ASN C 28 -18.48 8.41 15.24
CA ASN C 28 -18.08 7.29 16.08
C ASN C 28 -16.57 7.31 16.23
N TYR C 29 -16.04 8.51 16.43
CA TYR C 29 -14.62 8.75 16.53
C TYR C 29 -14.07 8.70 17.95
N SER C 30 -12.76 8.83 18.04
CA SER C 30 -12.04 8.87 19.30
C SER C 30 -11.10 10.04 19.12
N GLU C 31 -11.19 11.02 20.02
CA GLU C 31 -10.36 12.22 19.94
C GLU C 31 -8.86 11.93 19.93
N GLU C 32 -8.43 10.99 20.76
CA GLU C 32 -7.01 10.67 20.82
C GLU C 32 -6.48 10.07 19.52
N ASN C 33 -7.38 9.55 18.69
CA ASN C 33 -6.98 8.93 17.43
C ASN C 33 -6.66 9.91 16.32
N VAL C 34 -6.90 11.20 16.57
CA VAL C 34 -6.58 12.24 15.58
C VAL C 34 -5.07 12.42 15.73
N ARG C 35 -4.33 12.15 14.67
CA ARG C 35 -2.87 12.24 14.71
C ARG C 35 -2.30 13.53 14.13
N GLU C 36 -0.98 13.58 14.04
CA GLU C 36 -0.29 14.76 13.51
C GLU C 36 -0.78 15.09 12.10
N ASN C 37 -0.99 14.07 11.29
CA ASN C 37 -1.45 14.29 9.92
C ASN C 37 -2.39 13.20 9.40
N GLY C 38 -3.20 12.65 10.30
CA GLY C 38 -4.15 11.61 9.90
C GLY C 38 -5.01 11.13 11.05
N TYR C 39 -5.98 10.26 10.75
CA TYR C 39 -6.85 9.72 11.80
C TYR C 39 -6.60 8.21 11.84
N ASP C 40 -6.52 7.66 13.05
CA ASP C 40 -6.30 6.23 13.18
C ASP C 40 -7.60 5.46 13.32
N LEU C 41 -7.98 4.78 12.24
CA LEU C 41 -9.20 3.97 12.20
C LEU C 41 -9.10 2.77 13.15
N ARG C 42 -10.22 2.41 13.77
CA ARG C 42 -10.27 1.30 14.71
C ARG C 42 -11.15 0.16 14.20
N ILE C 43 -10.91 -1.05 14.69
CA ILE C 43 -11.74 -2.17 14.30
C ILE C 43 -12.73 -2.47 15.42
N CYS C 44 -13.99 -2.65 15.05
CA CYS C 44 -15.10 -2.94 15.98
C CYS C 44 -16.03 -4.00 15.42
N GLY C 45 -17.25 -4.02 15.96
CA GLY C 45 -18.26 -4.96 15.48
C GLY C 45 -18.54 -6.15 16.37
N ASP C 46 -19.74 -6.70 16.21
CA ASP C 46 -20.14 -7.86 16.97
C ASP C 46 -19.45 -9.06 16.34
N LYS C 47 -19.03 -8.90 15.08
CA LYS C 47 -18.38 -9.96 14.34
C LYS C 47 -17.30 -9.48 13.36
N TYR C 48 -16.45 -10.41 12.94
CA TYR C 48 -15.42 -10.13 11.95
C TYR C 48 -15.48 -11.36 11.03
N TYR C 49 -14.86 -11.30 9.86
CA TYR C 49 -14.95 -12.41 8.93
C TYR C 49 -13.62 -12.95 8.44
N GLU C 50 -13.57 -14.26 8.26
CA GLU C 50 -12.36 -14.92 7.78
C GLU C 50 -12.65 -15.44 6.38
N LEU C 51 -11.82 -15.07 5.41
CA LEU C 51 -12.04 -15.59 4.07
C LEU C 51 -11.58 -17.04 4.14
N VAL C 52 -12.40 -17.96 3.66
CA VAL C 52 -12.06 -19.39 3.72
C VAL C 52 -11.92 -20.05 2.35
N GLN C 53 -12.52 -19.45 1.32
CA GLN C 53 -12.41 -19.97 -0.03
C GLN C 53 -12.21 -18.79 -0.96
N GLY C 54 -11.27 -18.92 -1.90
CA GLY C 54 -10.96 -17.86 -2.83
C GLY C 54 -12.10 -17.31 -3.69
N ALA C 55 -11.89 -16.12 -4.21
CA ALA C 55 -12.87 -15.47 -5.07
C ALA C 55 -12.57 -15.71 -6.53
N GLU C 56 -13.60 -15.61 -7.38
CA GLU C 56 -13.44 -15.76 -8.82
C GLU C 56 -14.07 -14.48 -9.38
N LEU C 57 -13.38 -13.37 -9.18
CA LEU C 57 -13.86 -12.04 -9.58
C LEU C 57 -14.02 -11.78 -11.07
N PRO C 58 -14.99 -10.93 -11.43
CA PRO C 58 -15.88 -10.23 -10.50
C PRO C 58 -17.14 -11.00 -10.09
N GLU C 59 -17.47 -12.05 -10.83
CA GLU C 59 -18.69 -12.81 -10.57
C GLU C 59 -18.87 -13.48 -9.22
N LYS C 60 -17.82 -14.13 -8.71
CA LYS C 60 -17.91 -14.84 -7.44
C LYS C 60 -17.01 -14.28 -6.35
N LYS C 61 -17.62 -13.73 -5.30
CA LYS C 61 -16.86 -13.18 -4.18
C LYS C 61 -16.28 -14.35 -3.35
N ALA C 62 -15.34 -14.03 -2.48
CA ALA C 62 -14.71 -15.04 -1.64
C ALA C 62 -15.70 -15.55 -0.60
N THR C 63 -15.48 -16.78 -0.14
CA THR C 63 -16.37 -17.35 0.86
C THR C 63 -15.92 -16.94 2.26
N LEU C 64 -16.83 -16.32 3.01
CA LEU C 64 -16.55 -15.84 4.35
C LEU C 64 -17.07 -16.72 5.47
N ARG C 65 -16.28 -16.80 6.53
CA ARG C 65 -16.64 -17.54 7.72
C ARG C 65 -16.88 -16.44 8.75
N GLU C 66 -18.08 -16.39 9.31
CA GLU C 66 -18.43 -15.38 10.30
C GLU C 66 -17.95 -15.80 11.68
N ILE C 67 -17.30 -14.89 12.38
CA ILE C 67 -16.77 -15.17 13.72
C ILE C 67 -17.16 -14.09 14.72
N GLU C 68 -17.54 -14.52 15.92
CA GLU C 68 -17.91 -13.59 16.98
C GLU C 68 -16.69 -12.78 17.40
N PHE C 69 -16.80 -11.46 17.32
CA PHE C 69 -15.71 -10.57 17.69
C PHE C 69 -15.95 -10.25 19.17
N LYS C 70 -15.34 -11.04 20.05
CA LYS C 70 -15.52 -10.84 21.48
C LYS C 70 -14.63 -9.75 22.04
N GLU C 71 -13.40 -10.09 22.40
CA GLU C 71 -12.49 -9.09 22.94
C GLU C 71 -11.21 -9.10 22.11
N ARG C 72 -10.95 -10.23 21.49
CA ARG C 72 -9.76 -10.41 20.66
C ARG C 72 -10.07 -11.23 19.43
N ALA C 73 -9.59 -10.78 18.28
CA ALA C 73 -9.79 -11.51 17.04
C ALA C 73 -8.58 -12.40 16.84
N ILE C 74 -8.82 -13.69 16.69
CA ILE C 74 -7.72 -14.65 16.48
C ILE C 74 -7.52 -14.80 14.99
N LEU C 75 -6.29 -14.63 14.53
CA LEU C 75 -6.01 -14.77 13.10
C LEU C 75 -5.05 -15.91 12.81
N SER C 76 -5.34 -16.69 11.77
CA SER C 76 -4.48 -17.80 11.38
C SER C 76 -3.56 -17.32 10.26
N ALA C 77 -2.35 -17.84 10.24
CA ALA C 77 -1.40 -17.46 9.21
C ALA C 77 -1.97 -17.72 7.82
N ASN C 78 -1.60 -16.86 6.87
CA ASN C 78 -2.02 -16.95 5.48
C ASN C 78 -3.52 -16.90 5.20
N HIS C 79 -4.23 -16.10 6.00
CA HIS C 79 -5.67 -15.92 5.83
C HIS C 79 -5.98 -14.42 5.89
N THR C 80 -6.96 -13.99 5.10
CA THR C 80 -7.37 -12.59 5.09
C THR C 80 -8.64 -12.43 5.91
N TYR C 81 -8.67 -11.41 6.75
CA TYR C 81 -9.82 -11.14 7.61
C TYR C 81 -10.47 -9.80 7.35
N LEU C 82 -11.80 -9.76 7.41
CA LEU C 82 -12.53 -8.51 7.19
C LEU C 82 -13.04 -7.98 8.51
N PHE C 83 -12.71 -6.72 8.78
CA PHE C 83 -13.13 -6.03 9.99
C PHE C 83 -13.95 -4.79 9.68
N GLU C 84 -14.98 -4.59 10.48
CA GLU C 84 -15.85 -3.44 10.34
C GLU C 84 -15.22 -2.32 11.16
N SER C 85 -15.10 -1.13 10.58
CA SER C 85 -14.51 -0.01 11.31
C SER C 85 -15.43 0.48 12.40
N CYS C 86 -14.87 1.03 13.46
CA CYS C 86 -15.68 1.58 14.53
C CYS C 86 -16.31 2.85 13.94
N GLU C 87 -15.49 3.60 13.20
CA GLU C 87 -15.91 4.86 12.60
C GLU C 87 -16.84 4.76 11.40
N GLU C 88 -17.77 5.71 11.33
CA GLU C 88 -18.69 5.79 10.20
C GLU C 88 -18.22 7.04 9.45
N PHE C 89 -18.22 6.99 8.13
CA PHE C 89 -17.75 8.13 7.36
C PHE C 89 -18.85 8.79 6.53
N ASN C 90 -18.72 10.10 6.35
CA ASN C 90 -19.66 10.87 5.55
C ASN C 90 -18.77 11.83 4.76
N MET C 91 -18.20 11.30 3.68
CA MET C 91 -17.30 12.06 2.83
C MET C 91 -17.96 13.09 1.94
N PRO C 92 -17.45 14.32 1.95
CA PRO C 92 -18.00 15.39 1.12
C PRO C 92 -17.38 15.17 -0.26
N ALA C 93 -18.03 15.66 -1.32
CA ALA C 93 -17.50 15.49 -2.68
C ALA C 93 -16.19 16.26 -2.82
N ASP C 94 -15.73 16.81 -1.70
CA ASP C 94 -14.53 17.61 -1.65
C ASP C 94 -13.31 16.88 -1.08
N LEU C 95 -13.52 15.70 -0.50
CA LEU C 95 -12.41 14.98 0.12
C LEU C 95 -12.40 13.47 -0.15
N ALA C 96 -11.19 12.90 -0.11
CA ALA C 96 -10.98 11.47 -0.31
C ALA C 96 -9.95 11.04 0.74
N VAL C 97 -9.94 9.75 1.08
CA VAL C 97 -9.01 9.26 2.10
C VAL C 97 -8.15 8.09 1.65
N LEU C 98 -6.84 8.18 1.85
CA LEU C 98 -5.97 7.07 1.51
C LEU C 98 -5.83 6.24 2.79
N ILE C 99 -6.14 4.96 2.70
CA ILE C 99 -6.03 4.09 3.88
C ILE C 99 -4.66 3.44 3.86
N THR C 100 -3.84 3.73 4.87
CA THR C 100 -2.52 3.11 4.95
C THR C 100 -2.57 2.27 6.22
N LEU C 101 -1.56 1.44 6.44
CA LEU C 101 -1.54 0.59 7.63
C LEU C 101 -0.75 1.23 8.75
N LYS C 102 -1.20 1.09 9.99
CA LYS C 102 -0.44 1.66 11.10
C LYS C 102 0.90 0.92 11.13
N SER C 103 1.98 1.65 11.36
CA SER C 103 3.32 1.06 11.39
C SER C 103 3.47 -0.11 12.36
N THR C 104 2.84 0.00 13.51
CA THR C 104 2.92 -1.06 14.51
C THR C 104 2.41 -2.37 13.94
N LEU C 105 1.36 -2.31 13.12
CA LEU C 105 0.80 -3.51 12.50
C LEU C 105 1.76 -4.01 11.42
N ALA C 106 2.31 -3.09 10.63
CA ALA C 106 3.24 -3.46 9.56
C ALA C 106 4.47 -4.14 10.13
N ARG C 107 5.04 -3.56 11.18
CA ARG C 107 6.24 -4.11 11.78
C ARG C 107 6.01 -5.38 12.57
N ASN C 108 4.76 -5.71 12.85
CA ASN C 108 4.45 -6.91 13.61
C ASN C 108 3.82 -8.03 12.79
N GLY C 109 4.10 -8.04 11.49
CA GLY C 109 3.60 -9.09 10.63
C GLY C 109 2.20 -9.10 10.08
N PHE C 110 1.62 -7.92 9.84
CA PHE C 110 0.28 -7.85 9.28
C PHE C 110 0.38 -7.16 7.93
N LEU C 111 -0.41 -7.62 6.96
CA LEU C 111 -0.39 -7.06 5.62
C LEU C 111 -1.74 -6.46 5.27
N ALA C 112 -1.71 -5.47 4.39
CA ALA C 112 -2.93 -4.81 3.96
C ALA C 112 -2.53 -4.01 2.74
N PRO C 113 -3.37 -3.99 1.71
CA PRO C 113 -3.01 -3.22 0.52
C PRO C 113 -3.54 -1.79 0.68
N PRO C 114 -3.02 -0.85 -0.12
CA PRO C 114 -3.52 0.52 0.01
C PRO C 114 -4.88 0.58 -0.68
N THR C 115 -5.85 1.26 -0.08
CA THR C 115 -7.17 1.44 -0.70
C THR C 115 -7.63 2.88 -0.41
N VAL C 116 -8.69 3.31 -1.09
CA VAL C 116 -9.19 4.66 -0.93
C VAL C 116 -10.66 4.76 -0.60
N ILE C 117 -10.99 5.71 0.28
CA ILE C 117 -12.37 5.97 0.62
C ILE C 117 -12.64 7.19 -0.27
N ASP C 118 -13.47 7.00 -1.28
CA ASP C 118 -13.75 8.05 -2.23
C ASP C 118 -14.74 9.13 -1.81
N ALA C 119 -14.58 10.31 -2.39
CA ALA C 119 -15.44 11.45 -2.10
C ALA C 119 -16.89 11.04 -2.27
N GLY C 120 -17.72 11.45 -1.34
CA GLY C 120 -19.13 11.13 -1.41
C GLY C 120 -19.50 9.84 -0.72
N TYR C 121 -18.50 9.02 -0.37
CA TYR C 121 -18.78 7.75 0.31
C TYR C 121 -19.44 7.97 1.67
N LYS C 122 -20.44 7.14 1.96
CA LYS C 122 -21.14 7.22 3.24
C LYS C 122 -21.21 5.86 3.91
N GLY C 123 -20.85 5.81 5.19
CA GLY C 123 -20.92 4.57 5.93
C GLY C 123 -19.62 4.12 6.57
N LYS C 124 -19.68 2.97 7.24
CA LYS C 124 -18.51 2.39 7.86
C LYS C 124 -17.73 1.73 6.74
N VAL C 125 -16.47 1.39 6.99
CA VAL C 125 -15.68 0.74 5.96
C VAL C 125 -15.19 -0.61 6.47
N ASN C 126 -15.18 -1.60 5.59
CA ASN C 126 -14.72 -2.93 5.97
C ASN C 126 -13.31 -3.10 5.46
N VAL C 127 -12.35 -3.24 6.37
CA VAL C 127 -10.96 -3.38 5.98
C VAL C 127 -10.46 -4.84 5.97
N ALA C 128 -9.56 -5.12 5.04
CA ALA C 128 -9.01 -6.46 4.93
C ALA C 128 -7.59 -6.50 5.46
N ILE C 129 -7.38 -7.30 6.50
CA ILE C 129 -6.06 -7.46 7.08
C ILE C 129 -5.64 -8.92 6.86
N THR C 130 -4.44 -9.12 6.34
CA THR C 130 -3.97 -10.49 6.12
C THR C 130 -2.89 -10.79 7.15
N ALA C 131 -3.03 -11.92 7.83
CA ALA C 131 -2.08 -12.31 8.85
C ALA C 131 -0.97 -13.18 8.29
N VAL C 132 0.27 -12.77 8.51
CA VAL C 132 1.42 -13.54 8.03
C VAL C 132 1.69 -14.68 9.02
N TYR C 133 1.27 -14.48 10.27
CA TYR C 133 1.48 -15.47 11.33
C TYR C 133 0.21 -15.66 12.12
N ASN C 134 0.15 -16.76 12.89
CA ASN C 134 -1.01 -16.96 13.73
C ASN C 134 -0.82 -15.81 14.71
N SER C 135 -1.83 -14.98 14.87
CA SER C 135 -1.70 -13.82 15.73
C SER C 135 -3.07 -13.34 16.18
N SER C 136 -3.13 -12.17 16.80
CA SER C 136 -4.40 -11.63 17.25
C SER C 136 -4.41 -10.10 17.34
N LEU C 137 -5.60 -9.52 17.21
CA LEU C 137 -5.79 -8.07 17.28
C LEU C 137 -6.91 -7.80 18.26
N LYS C 138 -6.67 -6.87 19.18
CA LYS C 138 -7.65 -6.51 20.19
C LYS C 138 -8.81 -5.71 19.61
N LYS C 139 -10.02 -6.03 20.05
CA LYS C 139 -11.20 -5.32 19.58
C LYS C 139 -11.13 -3.86 19.98
N GLY C 140 -11.39 -2.96 19.03
CA GLY C 140 -11.35 -1.54 19.33
C GLY C 140 -9.99 -0.88 19.18
N MET C 141 -8.97 -1.66 18.82
CA MET C 141 -7.64 -1.08 18.67
C MET C 141 -7.53 -0.39 17.30
N ALA C 142 -6.60 0.55 17.20
CA ALA C 142 -6.36 1.27 15.96
C ALA C 142 -5.50 0.36 15.07
N THR C 143 -5.91 0.21 13.81
CA THR C 143 -5.21 -0.66 12.88
C THR C 143 -4.72 0.05 11.62
N HIS C 144 -5.45 1.10 11.23
CA HIS C 144 -5.12 1.86 10.03
C HIS C 144 -4.93 3.36 10.26
N HIS C 145 -4.03 3.94 9.47
CA HIS C 145 -3.66 5.35 9.52
C HIS C 145 -4.26 6.06 8.29
N LEU C 146 -5.30 6.84 8.52
CA LEU C 146 -5.98 7.53 7.43
C LEU C 146 -5.40 8.89 7.06
N ILE C 147 -5.11 9.04 5.77
CA ILE C 147 -4.55 10.28 5.23
C ILE C 147 -5.65 10.94 4.40
N PHE C 148 -6.01 12.17 4.75
CA PHE C 148 -7.05 12.89 4.04
C PHE C 148 -6.49 13.70 2.87
N LEU C 149 -7.04 13.47 1.69
CA LEU C 149 -6.61 14.14 0.48
C LEU C 149 -7.76 14.99 -0.06
N LYS C 150 -7.47 16.24 -0.39
CA LYS C 150 -8.50 17.12 -0.93
C LYS C 150 -8.46 17.13 -2.45
N LEU C 151 -9.65 17.04 -3.07
CA LEU C 151 -9.75 17.03 -4.51
C LEU C 151 -9.55 18.44 -5.08
N ASP C 152 -8.98 18.50 -6.28
CA ASP C 152 -8.72 19.77 -6.95
C ASP C 152 -10.05 20.49 -7.16
N LYS C 153 -11.06 19.73 -7.55
CA LYS C 153 -12.40 20.25 -7.78
C LYS C 153 -13.39 19.27 -7.13
N PRO C 154 -14.48 19.80 -6.53
CA PRO C 154 -15.46 18.92 -5.90
C PRO C 154 -16.22 18.11 -6.94
S SO4 D . -17.13 -6.63 -2.39
O1 SO4 D . -16.54 -5.61 -3.36
O2 SO4 D . -16.80 -7.98 -3.03
O3 SO4 D . -16.47 -6.53 -1.14
O4 SO4 D . -18.53 -6.48 -2.34
C TRS E . 1.44 -14.65 2.13
C1 TRS E . 1.79 -13.90 3.40
C2 TRS E . 2.45 -14.31 1.02
C3 TRS E . 0.02 -14.24 1.68
N TRS E . 1.47 -16.10 2.38
O1 TRS E . 2.93 -14.52 4.03
O2 TRS E . 2.22 -15.15 -0.12
O3 TRS E . -0.95 -14.88 2.52
S SO4 F . 12.00 -5.36 -12.91
O1 SO4 F . 12.50 -5.46 -14.34
O2 SO4 F . 12.88 -6.35 -12.15
O3 SO4 F . 12.23 -4.04 -12.42
O4 SO4 F . 10.65 -5.79 -12.85
S SO4 G . 6.28 -1.58 17.36
O1 SO4 G . 7.07 -1.13 18.58
O2 SO4 G . 7.34 -1.72 16.28
O3 SO4 G . 5.69 -2.85 17.63
O4 SO4 G . 5.37 -0.56 16.99
#